data_6NID
#
_entry.id   6NID
#
_cell.length_a   36.328
_cell.length_b   51.177
_cell.length_c   72.412
_cell.angle_alpha   90.00
_cell.angle_beta   97.72
_cell.angle_gamma   90.00
#
_symmetry.space_group_name_H-M   'P 1 21 1'
#
loop_
_entity.id
_entity.type
_entity.pdbx_description
1 polymer 'Peripheral plasma membrane protein CASK'
2 polymer Neurexin-1
3 non-polymer 1,2-ETHANEDIOL
4 water water
#
loop_
_entity_poly.entity_id
_entity_poly.type
_entity_poly.pdbx_seq_one_letter_code
_entity_poly.pdbx_strand_id
1 'polypeptide(L)'
;MGRVRLVQFQKNTDEPMGITLKMNELNHCIVARIMHGGMIHRQGTLHVGDEIREINGISVANQTVEQLQKMLREMRGSIT
FKIVPSYR
;
A,B,C
2 'polypeptide(L)' KKNKDKEYYV D,E,F
#
loop_
_chem_comp.id
_chem_comp.type
_chem_comp.name
_chem_comp.formula
EDO non-polymer 1,2-ETHANEDIOL 'C2 H6 O2'
#
# COMPACT_ATOMS: atom_id res chain seq x y z
C GLY A 2 -9.06 -11.93 0.26
N ARG A 3 -8.57 -13.10 0.68
CA ARG A 3 -8.43 -13.38 2.10
C ARG A 3 -7.14 -12.81 2.69
N VAL A 4 -6.08 -12.75 1.90
CA VAL A 4 -4.78 -12.23 2.34
C VAL A 4 -4.49 -10.99 1.51
N ARG A 5 -3.96 -9.97 2.17
CA ARG A 5 -3.66 -8.71 1.51
C ARG A 5 -2.25 -8.27 1.89
N LEU A 6 -1.59 -7.63 0.94
CA LEU A 6 -0.27 -7.04 1.13
C LEU A 6 -0.43 -5.53 1.28
N VAL A 7 0.05 -4.97 2.39
CA VAL A 7 -0.01 -3.54 2.62
C VAL A 7 1.38 -3.03 3.00
N GLN A 8 1.56 -1.71 2.87
CA GLN A 8 2.85 -1.07 3.05
C GLN A 8 2.68 0.20 3.87
N PHE A 9 3.78 0.62 4.51
N PHE A 9 3.69 0.53 4.66
CA PHE A 9 3.73 1.59 5.62
CA PHE A 9 3.67 1.81 5.33
C PHE A 9 5.12 2.17 5.85
C PHE A 9 5.09 2.24 5.62
N GLN A 10 5.23 3.51 5.97
CA GLN A 10 6.53 4.16 6.10
C GLN A 10 6.78 4.50 7.56
N LYS A 11 7.88 3.99 8.11
CA LYS A 11 8.29 4.20 9.49
C LYS A 11 9.64 4.90 9.46
N ASN A 12 9.65 6.23 9.32
CA ASN A 12 10.89 6.97 9.11
C ASN A 12 11.31 7.82 10.31
N THR A 13 10.60 7.72 11.43
CA THR A 13 10.94 8.47 12.64
C THR A 13 11.05 7.50 13.80
N ASP A 14 11.27 8.05 14.99
CA ASP A 14 11.23 7.30 16.24
C ASP A 14 9.83 7.22 16.83
N GLU A 15 8.82 7.80 16.18
CA GLU A 15 7.47 7.72 16.71
C GLU A 15 6.99 6.28 16.71
N PRO A 16 6.26 5.84 17.73
CA PRO A 16 5.71 4.49 17.74
C PRO A 16 4.68 4.31 16.63
N MET A 17 4.37 3.03 16.33
CA MET A 17 3.30 2.76 15.38
C MET A 17 1.96 3.24 15.91
N GLY A 18 1.78 3.22 17.22
CA GLY A 18 0.51 3.66 17.81
C GLY A 18 -0.58 2.63 17.65
N ILE A 19 -0.25 1.35 17.78
CA ILE A 19 -1.24 0.29 17.82
C ILE A 19 -0.88 -0.65 18.97
N THR A 20 -1.87 -1.40 19.42
CA THR A 20 -1.64 -2.47 20.37
C THR A 20 -1.96 -3.80 19.69
N LEU A 21 -1.14 -4.82 19.97
CA LEU A 21 -1.32 -6.15 19.42
C LEU A 21 -1.68 -7.15 20.51
N LYS A 22 -2.37 -8.22 20.13
CA LYS A 22 -2.66 -9.32 21.03
C LYS A 22 -2.63 -10.63 20.25
N MET A 23 -2.32 -11.72 20.95
CA MET A 23 -2.43 -13.06 20.40
C MET A 23 -3.77 -13.67 20.79
N ASN A 24 -4.45 -14.29 19.83
CA ASN A 24 -5.73 -14.91 20.13
C ASN A 24 -5.55 -16.43 20.31
N GLU A 25 -6.67 -17.15 20.38
CA GLU A 25 -6.64 -18.57 20.72
C GLU A 25 -5.99 -19.41 19.63
N LEU A 26 -5.92 -18.92 18.40
CA LEU A 26 -5.25 -19.61 17.32
C LEU A 26 -3.78 -19.23 17.22
N ASN A 27 -3.26 -18.47 18.19
CA ASN A 27 -1.90 -17.94 18.17
C ASN A 27 -1.68 -17.00 16.98
N HIS A 28 -2.71 -16.24 16.63
CA HIS A 28 -2.65 -15.26 15.56
C HIS A 28 -2.48 -13.87 16.14
N CYS A 29 -1.75 -13.02 15.42
CA CYS A 29 -1.38 -11.71 15.92
C CYS A 29 -2.39 -10.68 15.41
N ILE A 30 -3.20 -10.13 16.31
CA ILE A 30 -4.39 -9.35 15.98
C ILE A 30 -4.16 -7.90 16.40
N VAL A 31 -4.54 -6.96 15.52
CA VAL A 31 -4.52 -5.55 15.89
C VAL A 31 -5.69 -5.28 16.83
N ALA A 32 -5.39 -4.97 18.09
CA ALA A 32 -6.45 -4.85 19.07
C ALA A 32 -6.99 -3.43 19.19
N ARG A 33 -6.11 -2.44 19.23
CA ARG A 33 -6.51 -1.04 19.33
C ARG A 33 -5.55 -0.20 18.50
N ILE A 34 -6.02 0.96 18.06
CA ILE A 34 -5.22 1.88 17.25
C ILE A 34 -5.33 3.28 17.85
N MET A 35 -4.20 3.84 18.25
CA MET A 35 -4.19 5.17 18.84
C MET A 35 -4.57 6.21 17.79
N HIS A 36 -5.61 6.98 18.04
CA HIS A 36 -6.00 8.01 17.09
C HIS A 36 -4.94 9.09 17.01
N GLY A 37 -4.65 9.55 15.79
CA GLY A 37 -3.60 10.50 15.55
C GLY A 37 -2.21 9.90 15.43
N GLY A 38 -2.06 8.62 15.76
CA GLY A 38 -0.76 7.96 15.67
C GLY A 38 -0.42 7.57 14.24
N MET A 39 0.75 6.95 14.09
CA MET A 39 1.32 6.78 12.77
C MET A 39 0.45 5.87 11.89
N ILE A 40 0.06 4.71 12.43
CA ILE A 40 -0.76 3.78 11.65
C ILE A 40 -2.12 4.40 11.33
N HIS A 41 -2.72 5.07 12.32
CA HIS A 41 -4.01 5.72 12.10
C HIS A 41 -3.92 6.73 10.96
N ARG A 42 -2.90 7.58 10.99
CA ARG A 42 -2.75 8.58 9.94
C ARG A 42 -2.54 7.95 8.57
N GLN A 43 -1.69 6.92 8.49
CA GLN A 43 -1.42 6.32 7.19
C GLN A 43 -2.53 5.36 6.73
N GLY A 44 -3.46 4.98 7.61
CA GLY A 44 -4.56 4.12 7.22
C GLY A 44 -4.18 2.67 6.93
N THR A 45 -3.03 2.22 7.44
CA THR A 45 -2.45 0.96 6.98
C THR A 45 -3.17 -0.26 7.52
N LEU A 46 -3.59 -0.19 8.78
CA LEU A 46 -4.20 -1.32 9.47
C LEU A 46 -5.46 -0.83 10.17
N HIS A 47 -6.36 -1.77 10.46
CA HIS A 47 -7.61 -1.47 11.15
C HIS A 47 -7.88 -2.56 12.18
N VAL A 48 -8.71 -2.22 13.17
CA VAL A 48 -8.93 -3.11 14.32
C VAL A 48 -9.42 -4.48 13.83
N GLY A 49 -8.83 -5.54 14.38
CA GLY A 49 -9.21 -6.89 14.02
C GLY A 49 -8.38 -7.51 12.90
N ASP A 50 -7.63 -6.70 12.15
CA ASP A 50 -6.71 -7.25 11.16
C ASP A 50 -5.73 -8.19 11.84
N GLU A 51 -5.36 -9.26 11.14
CA GLU A 51 -4.35 -10.20 11.60
C GLU A 51 -3.07 -9.97 10.82
N ILE A 52 -1.95 -9.83 11.52
CA ILE A 52 -0.64 -9.71 10.87
C ILE A 52 -0.05 -11.10 10.73
N ARG A 53 0.28 -11.46 9.49
CA ARG A 53 0.90 -12.75 9.19
C ARG A 53 2.41 -12.66 9.04
N GLU A 54 2.89 -11.65 8.33
CA GLU A 54 4.30 -11.48 8.05
C GLU A 54 4.65 -10.01 8.17
N ILE A 55 5.91 -9.74 8.50
CA ILE A 55 6.46 -8.40 8.57
C ILE A 55 7.72 -8.42 7.74
N ASN A 56 7.70 -7.73 6.59
CA ASN A 56 8.83 -7.72 5.65
C ASN A 56 9.19 -9.14 5.22
N GLY A 57 8.17 -9.95 4.98
CA GLY A 57 8.39 -11.33 4.63
C GLY A 57 8.79 -12.24 5.78
N ILE A 58 8.87 -11.73 7.01
CA ILE A 58 9.25 -12.53 8.17
C ILE A 58 7.98 -13.07 8.84
N SER A 59 7.87 -14.39 8.90
CA SER A 59 6.70 -15.00 9.50
C SER A 59 6.60 -14.65 10.98
N VAL A 60 5.39 -14.23 11.39
CA VAL A 60 5.11 -13.91 12.78
C VAL A 60 4.97 -15.16 13.64
N ALA A 61 4.70 -16.32 13.01
CA ALA A 61 4.23 -17.49 13.75
C ALA A 61 5.28 -18.02 14.73
N ASN A 62 6.56 -17.93 14.39
CA ASN A 62 7.61 -18.49 15.23
C ASN A 62 8.33 -17.41 16.03
N GLN A 63 7.60 -16.39 16.47
CA GLN A 63 8.14 -15.29 17.26
C GLN A 63 7.31 -15.13 18.51
N THR A 64 7.98 -14.80 19.62
CA THR A 64 7.25 -14.40 20.82
C THR A 64 6.73 -12.97 20.66
N VAL A 65 5.84 -12.58 21.57
CA VAL A 65 5.28 -11.24 21.53
C VAL A 65 6.36 -10.20 21.79
N GLU A 66 7.30 -10.50 22.69
CA GLU A 66 8.40 -9.58 22.94
C GLU A 66 9.28 -9.41 21.70
N GLN A 67 9.60 -10.52 21.02
CA GLN A 67 10.41 -10.43 19.82
C GLN A 67 9.73 -9.58 18.75
N LEU A 68 8.42 -9.75 18.57
CA LEU A 68 7.70 -8.93 17.60
C LEU A 68 7.74 -7.47 18.00
N GLN A 69 7.47 -7.20 19.28
CA GLN A 69 7.49 -5.82 19.78
C GLN A 69 8.85 -5.18 19.54
N LYS A 70 9.93 -5.89 19.86
CA LYS A 70 11.28 -5.37 19.64
C LYS A 70 11.57 -5.19 18.16
N MET A 71 11.20 -6.17 17.34
CA MET A 71 11.44 -6.07 15.90
C MET A 71 10.75 -4.85 15.31
N LEU A 72 9.48 -4.63 15.68
CA LEU A 72 8.71 -3.52 15.13
C LEU A 72 9.21 -2.18 15.65
N ARG A 73 9.58 -2.10 16.93
CA ARG A 73 10.09 -0.86 17.48
C ARG A 73 11.33 -0.39 16.75
N GLU A 74 12.23 -1.32 16.41
CA GLU A 74 13.50 -0.95 15.82
C GLU A 74 13.48 -0.81 14.30
N MET A 75 12.45 -1.34 13.63
CA MET A 75 12.43 -1.30 12.18
C MET A 75 12.19 0.12 11.67
N ARG A 76 12.71 0.39 10.47
CA ARG A 76 12.63 1.72 9.87
C ARG A 76 12.47 1.56 8.37
N GLY A 77 11.94 2.61 7.74
CA GLY A 77 11.81 2.64 6.29
C GLY A 77 10.50 2.09 5.78
N SER A 78 10.51 1.52 4.58
CA SER A 78 9.31 0.96 3.98
C SER A 78 9.07 -0.44 4.56
N ILE A 79 7.90 -0.64 5.15
CA ILE A 79 7.57 -1.87 5.86
C ILE A 79 6.36 -2.50 5.20
N THR A 80 6.47 -3.77 4.85
CA THR A 80 5.36 -4.50 4.24
C THR A 80 4.78 -5.49 5.23
N PHE A 81 3.46 -5.47 5.40
CA PHE A 81 2.72 -6.43 6.19
C PHE A 81 1.90 -7.31 5.25
N LYS A 82 1.97 -8.63 5.46
CA LYS A 82 0.96 -9.54 4.93
C LYS A 82 -0.10 -9.72 6.01
N ILE A 83 -1.34 -9.37 5.71
CA ILE A 83 -2.38 -9.37 6.73
C ILE A 83 -3.57 -10.21 6.27
N VAL A 84 -4.39 -10.61 7.24
CA VAL A 84 -5.72 -11.16 6.99
C VAL A 84 -6.73 -10.11 7.47
N PRO A 85 -7.33 -9.35 6.57
CA PRO A 85 -8.17 -8.22 7.00
C PRO A 85 -9.44 -8.70 7.69
N SER A 86 -9.89 -7.90 8.64
CA SER A 86 -11.22 -8.06 9.18
C SER A 86 -12.20 -7.30 8.28
N TYR A 87 -13.48 -7.62 8.44
CA TYR A 87 -14.53 -7.00 7.67
C TYR A 87 -15.57 -6.42 8.62
N ARG A 88 -16.11 -5.26 8.25
CA ARG A 88 -17.21 -4.66 9.01
C ARG A 88 -18.52 -5.34 8.60
CA MET B 1 -17.83 28.19 -15.50
C MET B 1 -17.87 28.20 -13.98
N GLY B 2 -17.42 29.31 -13.40
CA GLY B 2 -17.21 29.40 -11.97
C GLY B 2 -15.85 28.85 -11.59
N ARG B 3 -15.45 29.11 -10.36
CA ARG B 3 -14.19 28.56 -9.89
C ARG B 3 -14.34 27.08 -9.52
N VAL B 4 -15.41 26.74 -8.80
CA VAL B 4 -15.54 25.39 -8.24
C VAL B 4 -15.82 24.39 -9.35
N ARG B 5 -15.25 23.20 -9.23
CA ARG B 5 -15.50 22.08 -10.11
C ARG B 5 -15.94 20.88 -9.28
N LEU B 6 -16.68 19.97 -9.91
CA LEU B 6 -16.98 18.68 -9.33
C LEU B 6 -16.05 17.64 -9.95
N VAL B 7 -15.53 16.76 -9.11
CA VAL B 7 -14.71 15.62 -9.54
C VAL B 7 -15.42 14.34 -9.09
N GLN B 8 -15.68 13.45 -10.05
CA GLN B 8 -16.40 12.21 -9.80
C GLN B 8 -15.41 11.06 -9.71
N PHE B 9 -15.62 10.19 -8.72
CA PHE B 9 -14.71 9.09 -8.45
C PHE B 9 -15.53 7.87 -8.06
N GLN B 10 -15.40 6.78 -8.82
CA GLN B 10 -16.09 5.54 -8.53
C GLN B 10 -15.28 4.72 -7.52
N LYS B 11 -15.84 4.51 -6.34
N LYS B 11 -15.83 4.55 -6.32
CA LYS B 11 -15.14 3.87 -5.23
CA LYS B 11 -15.13 3.86 -5.24
C LYS B 11 -15.93 2.64 -4.79
C LYS B 11 -15.95 2.65 -4.83
N ASN B 12 -15.52 1.47 -5.26
CA ASN B 12 -16.25 0.23 -5.01
C ASN B 12 -15.67 -0.58 -3.87
N THR B 13 -14.55 -0.16 -3.29
CA THR B 13 -13.89 -0.87 -2.21
C THR B 13 -13.44 0.14 -1.17
N ASP B 14 -12.85 -0.38 -0.08
CA ASP B 14 -12.17 0.45 0.90
C ASP B 14 -10.68 0.59 0.59
N GLU B 15 -10.29 0.35 -0.65
CA GLU B 15 -8.93 0.63 -1.08
C GLU B 15 -8.67 2.14 -0.97
N PRO B 16 -7.47 2.56 -0.58
CA PRO B 16 -7.19 4.00 -0.49
C PRO B 16 -7.28 4.68 -1.85
N MET B 17 -7.76 5.92 -1.84
CA MET B 17 -7.83 6.68 -3.07
C MET B 17 -6.46 7.20 -3.50
N GLY B 18 -5.53 7.34 -2.57
CA GLY B 18 -4.16 7.69 -2.92
C GLY B 18 -3.84 9.17 -2.80
N ILE B 19 -4.40 9.85 -1.79
CA ILE B 19 -4.04 11.23 -1.49
C ILE B 19 -3.95 11.41 0.02
N THR B 20 -3.37 12.52 0.44
CA THR B 20 -3.40 12.90 1.85
C THR B 20 -4.15 14.21 2.00
N LEU B 21 -4.77 14.36 3.16
CA LEU B 21 -5.61 15.51 3.48
C LEU B 21 -5.05 16.21 4.71
N LYS B 22 -5.17 17.54 4.72
CA LYS B 22 -4.93 18.36 5.90
C LYS B 22 -6.11 19.31 6.05
N MET B 23 -6.53 19.55 7.29
CA MET B 23 -7.49 20.62 7.60
C MET B 23 -6.73 21.76 8.26
N ASN B 24 -7.00 23.00 7.84
CA ASN B 24 -6.29 24.13 8.42
C ASN B 24 -7.24 24.98 9.27
N GLU B 25 -6.70 26.09 9.78
CA GLU B 25 -7.44 26.93 10.73
C GLU B 25 -8.66 27.59 10.10
N LEU B 26 -8.70 27.70 8.77
CA LEU B 26 -9.88 28.22 8.07
C LEU B 26 -10.92 27.14 7.81
N ASN B 27 -10.71 25.93 8.32
CA ASN B 27 -11.60 24.79 8.10
C ASN B 27 -11.65 24.38 6.63
N HIS B 28 -10.55 24.59 5.92
CA HIS B 28 -10.39 24.11 4.55
C HIS B 28 -9.69 22.76 4.55
N CYS B 29 -10.14 21.88 3.67
CA CYS B 29 -9.54 20.55 3.56
C CYS B 29 -8.62 20.56 2.33
N ILE B 30 -7.32 20.42 2.56
CA ILE B 30 -6.28 20.59 1.54
C ILE B 30 -5.84 19.22 1.03
N VAL B 31 -5.74 19.08 -0.29
CA VAL B 31 -5.08 17.91 -0.87
C VAL B 31 -3.58 18.18 -0.79
N ALA B 32 -2.91 17.55 0.17
CA ALA B 32 -1.52 17.89 0.46
C ALA B 32 -0.50 17.05 -0.31
N ARG B 33 -0.90 15.86 -0.78
CA ARG B 33 0.01 14.98 -1.48
C ARG B 33 -0.83 14.02 -2.31
N ILE B 34 -0.26 13.58 -3.43
CA ILE B 34 -0.93 12.61 -4.30
C ILE B 34 0.04 11.47 -4.57
N MET B 35 -0.33 10.25 -4.16
CA MET B 35 0.51 9.07 -4.31
C MET B 35 0.70 8.69 -5.77
N HIS B 36 1.96 8.44 -6.16
CA HIS B 36 2.30 8.14 -7.55
C HIS B 36 1.49 6.98 -8.12
N GLY B 37 1.43 5.87 -7.40
CA GLY B 37 0.76 4.70 -7.95
C GLY B 37 -0.71 4.59 -7.62
N GLY B 38 -1.31 5.67 -7.11
CA GLY B 38 -2.67 5.60 -6.62
C GLY B 38 -3.72 5.95 -7.67
N MET B 39 -4.98 5.73 -7.27
CA MET B 39 -6.09 5.88 -8.21
C MET B 39 -6.37 7.34 -8.54
N ILE B 40 -6.15 8.26 -7.59
CA ILE B 40 -6.34 9.68 -7.90
C ILE B 40 -5.27 10.14 -8.89
N HIS B 41 -4.03 9.69 -8.73
CA HIS B 41 -2.99 10.07 -9.68
C HIS B 41 -3.29 9.50 -11.06
N ARG B 42 -3.76 8.26 -11.13
CA ARG B 42 -4.13 7.66 -12.41
C ARG B 42 -5.24 8.46 -13.09
N GLN B 43 -6.26 8.87 -12.33
CA GLN B 43 -7.33 9.68 -12.90
C GLN B 43 -6.78 11.00 -13.44
N GLY B 44 -5.84 11.61 -12.74
CA GLY B 44 -5.12 12.76 -13.24
C GLY B 44 -5.86 14.08 -13.16
N THR B 45 -6.99 14.14 -12.45
CA THR B 45 -7.78 15.36 -12.38
C THR B 45 -7.38 16.24 -11.20
N LEU B 46 -7.27 15.67 -10.00
CA LEU B 46 -6.92 16.47 -8.82
C LEU B 46 -5.44 16.81 -8.81
N HIS B 47 -5.12 17.97 -8.23
CA HIS B 47 -3.76 18.45 -8.06
C HIS B 47 -3.50 18.78 -6.59
N VAL B 48 -2.23 18.69 -6.17
CA VAL B 48 -1.87 19.15 -4.84
C VAL B 48 -2.18 20.63 -4.72
N GLY B 49 -2.77 21.03 -3.61
CA GLY B 49 -3.24 22.38 -3.41
C GLY B 49 -4.71 22.58 -3.68
N ASP B 50 -5.35 21.66 -4.40
CA ASP B 50 -6.81 21.65 -4.49
C ASP B 50 -7.39 21.55 -3.09
N GLU B 51 -8.59 22.10 -2.92
CA GLU B 51 -9.29 22.07 -1.64
C GLU B 51 -10.66 21.45 -1.83
N ILE B 52 -10.98 20.46 -1.00
CA ILE B 52 -12.27 19.77 -1.05
C ILE B 52 -13.25 20.51 -0.16
N ARG B 53 -14.32 21.06 -0.76
CA ARG B 53 -15.32 21.78 0.01
C ARG B 53 -16.44 20.87 0.51
N GLU B 54 -16.83 19.89 -0.30
CA GLU B 54 -17.91 18.96 0.03
C GLU B 54 -17.55 17.57 -0.51
N ILE B 55 -18.05 16.55 0.17
CA ILE B 55 -17.92 15.16 -0.27
C ILE B 55 -19.32 14.58 -0.28
N ASN B 56 -19.79 14.19 -1.47
CA ASN B 56 -21.19 13.77 -1.65
C ASN B 56 -22.16 14.79 -1.04
N GLY B 57 -21.85 16.08 -1.19
CA GLY B 57 -22.69 17.13 -0.68
C GLY B 57 -22.55 17.44 0.80
N ILE B 58 -21.75 16.66 1.53
CA ILE B 58 -21.50 16.92 2.94
C ILE B 58 -20.37 17.95 3.07
N SER B 59 -20.63 19.02 3.82
CA SER B 59 -19.62 20.05 4.04
C SER B 59 -18.49 19.53 4.93
N VAL B 60 -17.25 19.78 4.52
CA VAL B 60 -16.12 19.41 5.36
C VAL B 60 -15.86 20.41 6.48
N ALA B 61 -16.51 21.58 6.42
CA ALA B 61 -16.08 22.72 7.23
C ALA B 61 -16.15 22.43 8.74
N ASN B 62 -17.14 21.67 9.19
CA ASN B 62 -17.25 21.37 10.61
C ASN B 62 -16.76 19.97 10.96
N GLN B 63 -16.04 19.31 10.06
CA GLN B 63 -15.54 17.97 10.29
C GLN B 63 -14.06 18.02 10.65
N THR B 64 -13.63 17.07 11.47
CA THR B 64 -12.20 16.91 11.68
C THR B 64 -11.62 16.07 10.54
N VAL B 65 -10.30 16.20 10.34
CA VAL B 65 -9.67 15.42 9.28
C VAL B 65 -9.82 13.93 9.55
N GLU B 66 -9.80 13.52 10.83
CA GLU B 66 -10.04 12.11 11.16
C GLU B 66 -11.44 11.67 10.75
N GLN B 67 -12.43 12.53 10.99
CA GLN B 67 -13.80 12.19 10.58
C GLN B 67 -13.90 12.07 9.06
N LEU B 68 -13.18 12.91 8.33
CA LEU B 68 -13.18 12.80 6.87
C LEU B 68 -12.52 11.51 6.41
N GLN B 69 -11.38 11.16 7.01
CA GLN B 69 -10.74 9.89 6.68
C GLN B 69 -11.69 8.72 6.89
N LYS B 70 -12.41 8.72 8.02
CA LYS B 70 -13.32 7.62 8.32
C LYS B 70 -14.50 7.62 7.35
N MET B 71 -15.03 8.80 7.05
CA MET B 71 -16.14 8.92 6.11
C MET B 71 -15.76 8.40 4.72
N LEU B 72 -14.60 8.81 4.23
CA LEU B 72 -14.18 8.36 2.90
C LEU B 72 -13.95 6.86 2.88
N ARG B 73 -13.42 6.30 3.96
CA ARG B 73 -13.23 4.85 3.99
C ARG B 73 -14.56 4.11 3.94
N GLU B 74 -15.62 4.68 4.54
CA GLU B 74 -16.91 4.02 4.59
C GLU B 74 -17.72 4.18 3.31
N MET B 75 -17.50 5.26 2.56
CA MET B 75 -18.31 5.56 1.39
C MET B 75 -18.03 4.59 0.25
N ARG B 76 -19.09 4.22 -0.46
CA ARG B 76 -19.00 3.33 -1.61
C ARG B 76 -19.79 3.93 -2.77
N GLY B 77 -19.43 3.52 -3.98
CA GLY B 77 -20.16 3.94 -5.15
C GLY B 77 -19.63 5.22 -5.74
N SER B 78 -20.52 6.06 -6.25
N SER B 78 -20.52 6.06 -6.25
CA SER B 78 -20.11 7.32 -6.86
CA SER B 78 -20.11 7.32 -6.86
C SER B 78 -19.80 8.33 -5.76
C SER B 78 -19.81 8.34 -5.77
N ILE B 79 -18.59 8.87 -5.78
CA ILE B 79 -18.15 9.88 -4.83
C ILE B 79 -17.97 11.18 -5.61
N THR B 80 -18.59 12.26 -5.14
CA THR B 80 -18.46 13.56 -5.77
C THR B 80 -17.68 14.47 -4.84
N PHE B 81 -16.56 15.01 -5.34
N PHE B 81 -16.53 14.96 -5.32
CA PHE B 81 -15.77 15.98 -4.61
CA PHE B 81 -15.75 15.98 -4.64
C PHE B 81 -16.02 17.37 -5.20
C PHE B 81 -16.13 17.34 -5.21
N LYS B 82 -16.54 18.26 -4.38
N LYS B 82 -16.47 18.28 -4.34
CA LYS B 82 -16.65 19.67 -4.76
CA LYS B 82 -16.65 19.68 -4.73
C LYS B 82 -15.34 20.35 -4.40
C LYS B 82 -15.35 20.39 -4.39
N ILE B 83 -14.60 20.81 -5.41
CA ILE B 83 -13.25 21.31 -5.19
C ILE B 83 -13.10 22.74 -5.68
N VAL B 84 -12.25 23.48 -4.96
CA VAL B 84 -11.69 24.74 -5.44
C VAL B 84 -10.31 24.42 -6.00
N PRO B 85 -10.13 24.47 -7.33
CA PRO B 85 -8.86 24.00 -7.92
C PRO B 85 -7.75 25.01 -7.74
N SER B 86 -6.56 24.51 -7.44
CA SER B 86 -5.39 25.36 -7.58
C SER B 86 -5.12 25.63 -9.06
N TYR B 87 -4.45 26.74 -9.34
CA TYR B 87 -4.20 27.15 -10.72
C TYR B 87 -3.02 26.40 -11.33
N ARG B 88 -1.98 26.13 -10.54
CA ARG B 88 -0.76 25.51 -11.06
C ARG B 88 -0.23 24.49 -10.08
N GLY C 2 5.15 -19.54 -29.45
CA GLY C 2 5.64 -20.10 -28.20
C GLY C 2 5.10 -19.37 -26.98
N ARG C 3 5.16 -20.02 -25.82
CA ARG C 3 4.58 -19.43 -24.62
C ARG C 3 5.39 -18.26 -24.11
N VAL C 4 6.71 -18.33 -24.22
CA VAL C 4 7.58 -17.39 -23.52
C VAL C 4 7.40 -15.98 -24.05
N ARG C 5 7.33 -15.01 -23.13
CA ARG C 5 7.23 -13.60 -23.46
C ARG C 5 8.28 -12.81 -22.66
N LEU C 6 8.62 -11.64 -23.17
CA LEU C 6 9.44 -10.68 -22.44
C LEU C 6 8.56 -9.56 -21.89
N VAL C 7 8.86 -9.12 -20.66
CA VAL C 7 8.21 -7.95 -20.07
C VAL C 7 9.30 -6.92 -19.75
N GLN C 8 9.17 -5.73 -20.32
CA GLN C 8 10.13 -4.66 -20.13
C GLN C 8 9.64 -3.76 -19.00
N PHE C 9 10.54 -3.43 -18.08
CA PHE C 9 10.21 -2.56 -16.95
C PHE C 9 11.37 -1.60 -16.74
N GLN C 10 11.10 -0.31 -16.85
CA GLN C 10 12.16 0.68 -16.62
C GLN C 10 12.26 0.97 -15.13
N LYS C 11 13.41 0.65 -14.54
CA LYS C 11 13.64 0.82 -13.10
C LYS C 11 14.73 1.87 -12.91
N ASN C 12 14.30 3.11 -12.68
CA ASN C 12 15.21 4.25 -12.60
C ASN C 12 15.44 4.74 -11.18
N THR C 13 14.72 4.22 -10.19
CA THR C 13 14.81 4.75 -8.84
C THR C 13 15.00 3.62 -7.84
N ASP C 14 15.06 4.00 -6.56
CA ASP C 14 15.08 3.05 -5.46
C ASP C 14 13.71 2.44 -5.18
N GLU C 15 12.68 2.90 -5.87
CA GLU C 15 11.33 2.44 -5.55
C GLU C 15 11.19 0.97 -5.91
N PRO C 16 10.66 0.13 -5.02
CA PRO C 16 10.46 -1.27 -5.36
C PRO C 16 9.54 -1.43 -6.56
N MET C 17 9.65 -2.59 -7.21
CA MET C 17 8.79 -2.84 -8.36
C MET C 17 7.36 -3.15 -7.94
N GLY C 18 7.17 -3.72 -6.75
CA GLY C 18 5.84 -3.95 -6.21
C GLY C 18 5.29 -5.35 -6.41
N ILE C 19 6.16 -6.36 -6.32
CA ILE C 19 5.74 -7.76 -6.38
C ILE C 19 6.49 -8.55 -5.32
N THR C 20 5.95 -9.72 -5.00
CA THR C 20 6.69 -10.71 -4.22
C THR C 20 6.97 -11.91 -5.11
N LEU C 21 8.17 -12.46 -4.97
CA LEU C 21 8.59 -13.65 -5.69
C LEU C 21 8.70 -14.80 -4.71
N LYS C 22 8.39 -16.00 -5.19
CA LYS C 22 8.44 -17.21 -4.38
C LYS C 22 8.97 -18.34 -5.25
N MET C 23 9.81 -19.18 -4.67
CA MET C 23 10.18 -20.44 -5.29
C MET C 23 9.11 -21.46 -4.92
N ASN C 24 8.43 -22.02 -5.92
CA ASN C 24 7.47 -23.06 -5.60
C ASN C 24 8.21 -24.39 -5.43
N GLU C 25 7.46 -25.44 -5.09
CA GLU C 25 8.09 -26.70 -4.73
C GLU C 25 8.58 -27.49 -5.94
N LEU C 26 8.39 -26.96 -7.14
CA LEU C 26 9.07 -27.47 -8.33
C LEU C 26 10.33 -26.67 -8.65
N ASN C 27 10.77 -25.80 -7.73
CA ASN C 27 11.95 -24.97 -7.91
C ASN C 27 11.79 -23.99 -9.07
N HIS C 28 10.58 -23.47 -9.26
CA HIS C 28 10.33 -22.43 -10.24
C HIS C 28 10.02 -21.13 -9.51
N CYS C 29 10.58 -20.03 -10.00
CA CYS C 29 10.37 -18.70 -9.42
C CYS C 29 9.07 -18.11 -9.93
N ILE C 30 8.10 -17.90 -9.04
CA ILE C 30 6.75 -17.48 -9.41
C ILE C 30 6.46 -16.09 -8.86
N VAL C 31 5.72 -15.30 -9.62
CA VAL C 31 5.15 -14.05 -9.09
C VAL C 31 4.01 -14.43 -8.15
N ALA C 32 4.27 -14.34 -6.86
CA ALA C 32 3.30 -14.80 -5.86
C ALA C 32 2.23 -13.76 -5.57
N ARG C 33 2.58 -12.48 -5.65
CA ARG C 33 1.69 -11.42 -5.21
C ARG C 33 2.09 -10.14 -5.92
N ILE C 34 1.11 -9.27 -6.15
CA ILE C 34 1.35 -7.98 -6.77
C ILE C 34 0.76 -6.92 -5.85
N MET C 35 1.59 -5.96 -5.43
CA MET C 35 1.15 -4.92 -4.52
C MET C 35 0.24 -3.94 -5.25
N HIS C 36 -1.02 -3.86 -4.83
CA HIS C 36 -1.95 -2.88 -5.37
C HIS C 36 -1.41 -1.48 -5.12
N GLY C 37 -1.42 -0.65 -6.15
CA GLY C 37 -0.83 0.68 -6.04
C GLY C 37 0.66 0.74 -6.29
N GLY C 38 1.32 -0.41 -6.50
CA GLY C 38 2.71 -0.43 -6.90
C GLY C 38 2.86 -0.37 -8.41
N MET C 39 4.12 -0.27 -8.84
CA MET C 39 4.41 0.05 -10.23
C MET C 39 4.05 -1.11 -11.19
N ILE C 40 4.29 -2.36 -10.77
CA ILE C 40 3.96 -3.49 -11.63
C ILE C 40 2.45 -3.61 -11.79
N HIS C 41 1.71 -3.37 -10.72
CA HIS C 41 0.25 -3.38 -10.82
C HIS C 41 -0.22 -2.33 -11.82
N ARG C 42 0.29 -1.11 -11.70
CA ARG C 42 -0.11 -0.04 -12.61
C ARG C 42 0.28 -0.36 -14.06
N GLN C 43 1.46 -0.95 -14.25
CA GLN C 43 1.86 -1.34 -15.61
C GLN C 43 0.89 -2.35 -16.20
N GLY C 44 0.44 -3.32 -15.40
CA GLY C 44 -0.62 -4.22 -15.78
C GLY C 44 -0.23 -5.40 -16.64
N THR C 45 1.07 -5.64 -16.84
CA THR C 45 1.53 -6.69 -17.75
C THR C 45 1.82 -8.01 -17.05
N LEU C 46 2.53 -7.98 -15.92
CA LEU C 46 2.75 -9.21 -15.17
C LEU C 46 1.49 -9.63 -14.40
N HIS C 47 1.33 -10.95 -14.26
CA HIS C 47 0.22 -11.55 -13.52
C HIS C 47 0.76 -12.49 -12.44
N VAL C 48 0.02 -12.59 -11.34
CA VAL C 48 0.29 -13.63 -10.36
C VAL C 48 0.29 -14.97 -11.06
N GLY C 49 1.24 -15.83 -10.68
CA GLY C 49 1.39 -17.12 -11.32
C GLY C 49 2.37 -17.16 -12.47
N ASP C 50 2.71 -15.98 -13.04
CA ASP C 50 3.75 -15.93 -14.06
C ASP C 50 5.04 -16.47 -13.47
N GLU C 51 5.81 -17.18 -14.29
CA GLU C 51 7.10 -17.72 -13.88
C GLU C 51 8.20 -16.87 -14.52
N ILE C 52 9.14 -16.43 -13.71
CA ILE C 52 10.28 -15.69 -14.21
C ILE C 52 11.40 -16.68 -14.48
N ARG C 53 11.87 -16.72 -15.73
CA ARG C 53 12.92 -17.64 -16.15
C ARG C 53 14.28 -16.97 -16.23
N GLU C 54 14.32 -15.74 -16.75
CA GLU C 54 15.55 -15.00 -16.89
C GLU C 54 15.27 -13.54 -16.56
N ILE C 55 16.31 -12.86 -16.05
CA ILE C 55 16.29 -11.41 -15.88
C ILE C 55 17.49 -10.87 -16.64
N ASN C 56 17.23 -10.15 -17.73
CA ASN C 56 18.28 -9.54 -18.57
C ASN C 56 19.34 -10.56 -18.98
N GLY C 57 18.88 -11.75 -19.36
CA GLY C 57 19.79 -12.80 -19.78
C GLY C 57 20.44 -13.58 -18.65
N ILE C 58 20.12 -13.29 -17.40
CA ILE C 58 20.62 -14.02 -16.24
C ILE C 58 19.58 -15.07 -15.87
N SER C 59 19.99 -16.33 -15.85
CA SER C 59 19.07 -17.42 -15.52
C SER C 59 18.73 -17.36 -14.03
N VAL C 60 17.43 -17.36 -13.70
CA VAL C 60 17.10 -17.35 -12.29
C VAL C 60 17.32 -18.72 -11.66
N ALA C 61 17.44 -19.77 -12.48
CA ALA C 61 17.69 -21.11 -11.96
C ALA C 61 18.94 -21.15 -11.09
N ASN C 62 19.95 -20.35 -11.42
CA ASN C 62 21.24 -20.40 -10.73
C ASN C 62 21.36 -19.37 -9.62
N GLN C 63 20.24 -18.81 -9.17
CA GLN C 63 20.21 -17.89 -8.05
C GLN C 63 19.18 -18.37 -7.04
N THR C 64 19.48 -18.20 -5.76
CA THR C 64 18.42 -18.28 -4.76
C THR C 64 17.53 -17.05 -4.89
N VAL C 65 16.30 -17.16 -4.39
N VAL C 65 16.30 -17.16 -4.39
CA VAL C 65 15.40 -16.01 -4.47
CA VAL C 65 15.39 -16.02 -4.44
C VAL C 65 15.91 -14.86 -3.61
C VAL C 65 15.94 -14.86 -3.63
N GLU C 66 16.63 -15.16 -2.52
CA GLU C 66 17.24 -14.11 -1.72
C GLU C 66 18.28 -13.35 -2.55
N GLN C 67 19.11 -14.07 -3.29
CA GLN C 67 20.06 -13.44 -4.21
C GLN C 67 19.33 -12.65 -5.29
N LEU C 68 18.23 -13.19 -5.81
N LEU C 68 18.21 -13.18 -5.79
CA LEU C 68 17.45 -12.48 -6.82
CA LEU C 68 17.46 -12.48 -6.83
C LEU C 68 16.90 -11.18 -6.27
C LEU C 68 16.87 -11.18 -6.28
N GLN C 69 16.45 -11.19 -5.02
CA GLN C 69 15.93 -9.98 -4.40
C GLN C 69 17.01 -8.92 -4.30
N LYS C 70 18.20 -9.30 -3.81
CA LYS C 70 19.30 -8.36 -3.71
C LYS C 70 19.71 -7.85 -5.09
N MET C 71 19.74 -8.73 -6.09
CA MET C 71 20.09 -8.30 -7.44
C MET C 71 19.04 -7.33 -7.99
N LEU C 72 17.75 -7.66 -7.85
CA LEU C 72 16.71 -6.76 -8.35
C LEU C 72 16.69 -5.45 -7.60
N ARG C 73 17.03 -5.46 -6.31
CA ARG C 73 17.05 -4.25 -5.51
C ARG C 73 18.04 -3.22 -6.06
N GLU C 74 19.22 -3.69 -6.47
CA GLU C 74 20.30 -2.81 -6.89
C GLU C 74 20.25 -2.48 -8.38
N MET C 75 19.52 -3.24 -9.17
CA MET C 75 19.49 -3.00 -10.60
C MET C 75 18.88 -1.64 -10.91
N ARG C 76 19.48 -0.95 -11.88
CA ARG C 76 18.92 0.27 -12.44
C ARG C 76 18.95 0.14 -13.96
N GLY C 77 17.87 0.56 -14.60
CA GLY C 77 17.86 0.59 -16.04
C GLY C 77 16.71 -0.17 -16.65
N SER C 78 16.94 -0.79 -17.80
CA SER C 78 15.87 -1.43 -18.54
C SER C 78 15.85 -2.89 -18.14
N ILE C 79 14.99 -3.24 -17.18
CA ILE C 79 14.88 -4.62 -16.73
C ILE C 79 14.05 -5.40 -17.73
N THR C 80 14.48 -6.61 -18.05
CA THR C 80 13.76 -7.49 -18.98
C THR C 80 13.49 -8.80 -18.27
N PHE C 81 12.22 -9.07 -17.95
CA PHE C 81 11.80 -10.37 -17.45
C PHE C 81 11.48 -11.28 -18.63
N LYS C 82 12.13 -12.44 -18.71
CA LYS C 82 11.69 -13.49 -19.63
C LYS C 82 10.77 -14.42 -18.85
N ILE C 83 9.50 -14.48 -19.24
CA ILE C 83 8.51 -15.14 -18.40
C ILE C 83 7.83 -16.28 -19.15
N VAL C 84 7.35 -17.26 -18.40
CA VAL C 84 6.34 -18.21 -18.84
C VAL C 84 5.00 -17.71 -18.30
N PRO C 85 4.15 -17.12 -19.14
CA PRO C 85 2.94 -16.46 -18.62
C PRO C 85 1.94 -17.46 -18.09
N SER C 86 1.29 -17.11 -16.99
N SER C 86 1.32 -17.12 -16.95
CA SER C 86 0.21 -17.92 -16.44
CA SER C 86 0.21 -17.92 -16.45
C SER C 86 -1.02 -17.82 -17.32
C SER C 86 -0.97 -17.85 -17.42
N TYR C 87 -1.71 -18.94 -17.49
CA TYR C 87 -2.88 -19.02 -18.37
C TYR C 87 -4.19 -18.76 -17.61
N ASP D 5 -2.52 20.31 12.41
CA ASP D 5 -2.30 20.20 10.97
C ASP D 5 -1.70 18.83 10.61
N LYS D 6 -2.23 17.78 11.20
CA LYS D 6 -1.76 16.43 10.90
C LYS D 6 -2.22 15.99 9.52
N GLU D 7 -1.42 15.14 8.89
CA GLU D 7 -1.62 14.70 7.51
C GLU D 7 -2.17 13.28 7.52
N TYR D 8 -3.38 13.09 6.96
CA TYR D 8 -4.06 11.80 7.00
C TYR D 8 -4.25 11.24 5.60
N TYR D 9 -4.06 9.93 5.47
CA TYR D 9 -4.09 9.24 4.17
C TYR D 9 -5.47 8.66 3.91
N VAL D 10 -5.99 8.88 2.71
CA VAL D 10 -7.29 8.33 2.31
C VAL D 10 -7.16 7.67 0.93
N LYS E 6 -2.28 -10.94 26.80
CA LYS E 6 -2.20 -9.52 27.15
C LYS E 6 -1.90 -8.67 25.92
N GLU E 7 -2.23 -7.38 25.97
CA GLU E 7 -1.96 -6.48 24.85
C GLU E 7 -0.54 -5.93 24.91
N TYR E 8 0.01 -5.64 23.73
CA TYR E 8 1.39 -5.17 23.61
C TYR E 8 1.44 -3.94 22.70
N TYR E 9 2.11 -2.89 23.17
CA TYR E 9 2.19 -1.63 22.44
C TYR E 9 3.38 -1.62 21.49
N VAL E 10 3.15 -1.13 20.28
CA VAL E 10 4.23 -0.94 19.30
C VAL E 10 4.06 0.40 18.60
N LYS F 6 8.29 -18.92 1.85
CA LYS F 6 8.76 -17.56 2.07
C LYS F 6 8.67 -16.75 0.78
N GLU F 7 8.09 -15.55 0.88
CA GLU F 7 7.96 -14.64 -0.24
C GLU F 7 8.94 -13.49 -0.09
N TYR F 8 9.39 -12.94 -1.21
CA TYR F 8 10.43 -11.93 -1.21
C TYR F 8 9.96 -10.72 -2.00
N TYR F 9 9.85 -9.59 -1.31
CA TYR F 9 9.33 -8.37 -1.92
C TYR F 9 10.43 -7.68 -2.73
N VAL F 10 10.12 -7.31 -3.97
CA VAL F 10 11.06 -6.61 -4.83
C VAL F 10 10.36 -5.49 -5.58
C1 EDO G . -17.72 8.29 -10.86
O1 EDO G . -19.06 7.96 -10.49
C2 EDO G . -17.62 8.40 -12.38
O2 EDO G . -16.29 8.80 -12.74
#